data_4C13
#
_entry.id   4C13
#
_cell.length_a   157.820
_cell.length_b   54.030
_cell.length_c   70.970
_cell.angle_alpha   90.00
_cell.angle_beta   92.02
_cell.angle_gamma   90.00
#
_symmetry.space_group_name_H-M   'C 1 2 1'
#
loop_
_entity.id
_entity.type
_entity.pdbx_description
1 polymer 'UDP-N-ACETYLMURAMOYL-L-ALANYL-D-GLUTAMATE--L-LYSINE LIGASE'
2 non-polymer 'CHLORIDE ION'
3 non-polymer 'MAGNESIUM ION'
4 non-polymer "Uridine 5'Diphospho N-acetyl muramoyl-L-Alanyl-D-Glutamyl-L-Lysine"
5 non-polymer 'PHOSPHATE ION'
6 non-polymer 'POTASSIUM ION'
7 water water
#
_entity_poly.entity_id   1
_entity_poly.type   'polypeptide(L)'
_entity_poly.pdbx_seq_one_letter_code
;MDASTLFKKVKVKRVLGSLEQQIDDITTDSRTAREGSIFVASVGYTVDSHKFCQNVADQGCKLVVVNKEQSLPANVTQVV
VPDTLRVASILAHTLYDYPSHQLVTFGVTGTNGKTSIATMIHLIQRKLQKNSAYLGTNGFQINETKTKGANTTPETVSLT
KKIKEAVDAGAESMTLEVSSHGLVLGRLRGVEFDVAIFSNLTQDHLDFHGTMEAYGHA(KCX)SLLFSQLGEDLSKEKYV
VLNNDDSFSEYLRTVTPYEVFSYGIDEEAQFMAKNIQESLQGVSFDFVTPFGTYPVKSPYVGKFNISNIMAAMIAVWSKG
TSLETIIKAVENLEPVEGRLEVLDPSLPIDLIIDYAHTADGMNKLIDAVQPFVKQKLIFLVGMAGERDLTKTPEMGRVAC
RADYVIFTPDNPANDDPKMLTAELAKGATHQNYIEFDDRAEGIKHAIDIAEPGDTVVLASKGREPYQIMPGHIKVPHRDD
LIGLEAAYKKFGGGPVDRSHHHHHH
;
_entity_poly.pdbx_strand_id   A
#
loop_
_chem_comp.id
_chem_comp.type
_chem_comp.name
_chem_comp.formula
CL non-polymer 'CHLORIDE ION' 'Cl -1'
K non-polymer 'POTASSIUM ION' 'K 1'
MG non-polymer 'MAGNESIUM ION' 'Mg 2'
PO4 non-polymer 'PHOSPHATE ION' 'O4 P -3'
UML non-polymer 'Uridine 5'Diphospho N-acetyl muramoyl-L-Alanyl-D-Glutamyl-L-Lysine' 'C34 H55 N7 O24 P2'
#
# COMPACT_ATOMS: atom_id res chain seq x y z
N MET A 1 -7.21 5.50 31.18
CA MET A 1 -6.37 5.21 32.36
C MET A 1 -5.56 6.44 32.72
N ASP A 2 -4.65 6.33 33.65
CA ASP A 2 -3.94 7.55 34.06
C ASP A 2 -2.52 7.65 33.53
N ALA A 3 -2.02 8.86 33.41
CA ALA A 3 -0.75 9.09 32.75
C ALA A 3 0.35 8.32 33.46
N SER A 4 0.14 8.16 34.77
CA SER A 4 1.07 7.56 35.69
C SER A 4 1.48 6.17 35.21
N THR A 5 0.46 5.35 34.93
CA THR A 5 0.65 3.98 34.53
C THR A 5 1.22 3.91 33.15
N LEU A 6 0.80 4.83 32.27
CA LEU A 6 1.34 4.87 30.93
C LEU A 6 2.85 5.13 30.97
N PHE A 7 3.27 6.09 31.79
CA PHE A 7 4.66 6.52 31.73
C PHE A 7 5.63 5.65 32.56
N LYS A 8 5.09 4.68 33.32
CA LYS A 8 5.95 3.67 33.92
C LYS A 8 6.61 2.86 32.79
N LYS A 9 6.04 2.89 31.58
CA LYS A 9 6.64 2.16 30.46
C LYS A 9 7.85 2.92 29.83
N VAL A 10 8.21 4.09 30.35
CA VAL A 10 9.29 4.89 29.75
C VAL A 10 10.36 5.05 30.86
N LYS A 11 11.60 4.58 30.64
CA LYS A 11 12.60 4.59 31.70
C LYS A 11 13.34 5.93 31.78
N VAL A 12 13.63 6.53 30.62
CA VAL A 12 14.27 7.84 30.59
C VAL A 12 13.28 8.90 30.26
N LYS A 13 12.96 9.74 31.27
CA LYS A 13 12.04 10.82 31.10
C LYS A 13 12.31 11.89 32.16
N ARG A 14 12.10 13.15 31.81
CA ARG A 14 12.07 14.21 32.79
C ARG A 14 10.60 14.73 32.84
N VAL A 15 9.94 14.50 33.96
CA VAL A 15 8.53 14.79 34.17
C VAL A 15 8.40 16.15 34.87
N LEU A 16 7.73 17.08 34.20
CA LEU A 16 7.51 18.43 34.71
C LEU A 16 6.02 18.58 34.96
N GLY A 17 5.59 18.30 36.19
CA GLY A 17 4.19 18.35 36.60
C GLY A 17 3.62 17.00 37.03
N SER A 18 2.33 16.98 37.33
CA SER A 18 1.68 15.78 37.81
C SER A 18 1.35 14.78 36.68
N LEU A 19 1.36 13.48 37.01
CA LEU A 19 0.87 12.45 36.08
C LEU A 19 -0.34 11.75 36.69
N GLU A 20 -0.96 12.38 37.68
CA GLU A 20 -2.20 11.85 38.24
C GLU A 20 -3.45 11.86 37.28
N GLN A 21 -3.34 12.55 36.16
CA GLN A 21 -4.46 12.79 35.26
C GLN A 21 -4.90 11.57 34.40
N GLN A 22 -6.19 11.56 34.03
CA GLN A 22 -6.79 10.48 33.23
C GLN A 22 -6.44 10.67 31.77
N ILE A 23 -6.07 9.61 31.09
CA ILE A 23 -5.73 9.77 29.66
C ILE A 23 -6.57 8.81 28.83
N ASP A 24 -7.25 9.30 27.81
CA ASP A 24 -8.03 8.41 26.94
C ASP A 24 -7.63 8.45 25.47
N ASP A 25 -6.73 9.37 25.12
CA ASP A 25 -6.37 9.66 23.73
C ASP A 25 -4.86 9.98 23.59
N ILE A 26 -4.27 9.60 22.46
CA ILE A 26 -2.93 10.11 22.14
C ILE A 26 -2.93 10.64 20.72
N THR A 27 -2.08 11.62 20.45
CA THR A 27 -2.00 12.18 19.11
C THR A 27 -0.67 12.85 18.79
N THR A 28 -0.23 12.67 17.55
CA THR A 28 0.92 13.40 17.06
C THR A 28 0.48 14.58 16.16
N ASP A 29 -0.81 14.87 16.15
CA ASP A 29 -1.35 16.01 15.43
C ASP A 29 -1.98 16.93 16.48
N SER A 30 -1.38 18.10 16.63
CA SER A 30 -1.82 19.09 17.62
C SER A 30 -3.26 19.50 17.42
N ARG A 31 -3.69 19.53 16.15
CA ARG A 31 -5.05 19.96 15.82
C ARG A 31 -6.14 19.03 16.40
N THR A 32 -5.78 17.89 16.95
CA THR A 32 -6.79 17.01 17.56
C THR A 32 -6.55 16.77 19.02
N ALA A 33 -5.57 17.47 19.58
CA ALA A 33 -5.29 17.31 21.00
C ALA A 33 -6.30 18.06 21.89
N ARG A 34 -6.80 17.39 22.95
CA ARG A 34 -7.64 18.07 23.95
C ARG A 34 -7.53 17.50 25.37
N GLU A 35 -8.37 17.96 26.28
CA GLU A 35 -8.33 17.41 27.63
C GLU A 35 -8.45 15.88 27.55
N GLY A 36 -7.56 15.16 28.23
CA GLY A 36 -7.51 13.69 28.15
C GLY A 36 -6.59 13.13 27.06
N SER A 37 -6.12 13.97 26.13
CA SER A 37 -5.11 13.58 25.12
C SER A 37 -3.66 13.69 25.66
N ILE A 38 -2.76 12.81 25.20
CA ILE A 38 -1.33 13.14 25.19
C ILE A 38 -0.99 13.68 23.82
N PHE A 39 -0.42 14.87 23.79
CA PHE A 39 0.12 15.36 22.53
C PHE A 39 1.61 15.06 22.44
N VAL A 40 2.02 14.37 21.38
CA VAL A 40 3.44 14.06 21.22
C VAL A 40 4.00 14.91 20.10
N ALA A 41 4.94 15.80 20.42
CA ALA A 41 5.57 16.67 19.43
C ALA A 41 6.66 15.96 18.66
N SER A 42 6.95 16.45 17.45
CA SER A 42 7.98 15.83 16.64
C SER A 42 8.45 16.79 15.57
N VAL A 43 9.58 16.48 14.97
CA VAL A 43 10.08 17.31 13.87
C VAL A 43 9.82 16.60 12.55
N GLY A 44 9.00 17.20 11.69
CA GLY A 44 8.55 16.59 10.45
C GLY A 44 9.39 17.11 9.32
N TYR A 45 9.03 16.74 8.07
CA TYR A 45 9.71 17.33 6.90
C TYR A 45 9.31 18.75 6.63
N THR A 46 8.13 19.13 7.08
CA THR A 46 7.59 20.44 6.81
C THR A 46 7.77 21.34 8.03
N VAL A 47 7.19 20.95 9.17
CA VAL A 47 7.20 21.74 10.40
C VAL A 47 7.67 20.92 11.61
N ASP A 48 8.05 21.65 12.65
CA ASP A 48 8.37 21.13 13.97
C ASP A 48 7.18 21.42 14.90
N SER A 49 6.41 20.39 15.23
CA SER A 49 5.18 20.54 16.00
C SER A 49 5.34 20.89 17.46
N HIS A 50 6.57 20.90 17.95
CA HIS A 50 6.81 21.50 19.28
C HIS A 50 6.12 22.86 19.33
N LYS A 51 6.23 23.62 18.24
CA LYS A 51 5.57 24.94 18.10
C LYS A 51 4.08 25.08 18.41
N PHE A 52 3.34 23.97 18.42
CA PHE A 52 1.88 24.00 18.64
C PHE A 52 1.53 23.58 20.03
N CYS A 53 2.54 23.46 20.89
CA CYS A 53 2.26 23.04 22.27
C CYS A 53 1.27 24.03 22.94
N GLN A 54 1.44 25.32 22.66
CA GLN A 54 0.57 26.36 23.25
C GLN A 54 -0.89 26.23 22.75
N ASN A 55 -1.05 25.74 21.50
CA ASN A 55 -2.37 25.43 20.93
C ASN A 55 -3.06 24.28 21.65
N VAL A 56 -2.33 23.20 21.91
CA VAL A 56 -2.98 22.07 22.59
C VAL A 56 -3.35 22.43 24.03
N ALA A 57 -2.59 23.35 24.63
CA ALA A 57 -2.89 23.84 25.99
C ALA A 57 -4.16 24.65 25.92
N ASP A 58 -4.16 25.61 25.00
CA ASP A 58 -5.39 26.36 24.66
C ASP A 58 -6.57 25.42 24.46
N GLN A 59 -6.35 24.28 23.80
CA GLN A 59 -7.47 23.38 23.53
C GLN A 59 -7.83 22.48 24.68
N GLY A 60 -7.11 22.57 25.80
CA GLY A 60 -7.48 21.75 26.98
C GLY A 60 -6.53 20.61 27.33
N CYS A 61 -5.58 20.31 26.43
CA CYS A 61 -4.61 19.21 26.64
C CYS A 61 -3.69 19.58 27.78
N LYS A 62 -3.57 18.67 28.75
CA LYS A 62 -2.72 18.88 29.92
C LYS A 62 -1.44 17.99 29.96
N LEU A 63 -1.07 17.38 28.83
CA LEU A 63 0.12 16.54 28.79
C LEU A 63 0.73 16.47 27.41
N VAL A 64 1.95 16.95 27.32
CA VAL A 64 2.71 16.90 26.07
C VAL A 64 3.95 16.08 26.31
N VAL A 65 4.33 15.32 25.30
CA VAL A 65 5.62 14.63 25.25
C VAL A 65 6.48 15.42 24.25
N VAL A 66 7.66 15.88 24.73
CA VAL A 66 8.52 16.74 23.93
C VAL A 66 9.99 16.28 23.96
N ASN A 67 10.81 16.77 23.04
CA ASN A 67 12.23 16.42 23.14
C ASN A 67 13.02 17.50 23.87
N LYS A 68 12.36 18.59 24.25
CA LYS A 68 12.97 19.72 25.00
C LYS A 68 11.82 20.41 25.72
N GLU A 69 12.05 20.79 26.96
CA GLU A 69 11.12 21.63 27.70
C GLU A 69 10.62 22.78 26.82
N GLN A 70 9.30 22.95 26.80
CA GLN A 70 8.66 24.02 26.07
C GLN A 70 8.12 25.11 27.01
N SER A 71 7.82 26.26 26.40
CA SER A 71 7.09 27.33 27.08
C SER A 71 5.59 27.04 27.21
N LEU A 72 5.10 26.73 28.40
CA LEU A 72 3.73 26.34 28.56
C LEU A 72 3.21 26.77 29.92
N PRO A 73 1.89 26.87 30.07
CA PRO A 73 1.34 27.14 31.39
C PRO A 73 1.75 26.07 32.36
N ALA A 74 1.81 26.46 33.61
CA ALA A 74 2.31 25.63 34.69
C ALA A 74 1.52 24.35 34.82
N ASN A 75 0.21 24.44 34.60
CA ASN A 75 -0.68 23.28 34.79
C ASN A 75 -0.71 22.25 33.65
N VAL A 76 0.06 22.49 32.60
CA VAL A 76 0.26 21.48 31.56
C VAL A 76 1.49 20.65 31.96
N THR A 77 1.30 19.34 32.20
CA THR A 77 2.43 18.43 32.42
C THR A 77 3.26 18.21 31.14
N GLN A 78 4.59 18.28 31.26
CA GLN A 78 5.47 17.95 30.16
C GLN A 78 6.29 16.69 30.53
N VAL A 79 6.44 15.75 29.59
CA VAL A 79 7.36 14.64 29.77
C VAL A 79 8.45 14.78 28.71
N VAL A 80 9.67 15.08 29.11
CA VAL A 80 10.77 15.28 28.13
C VAL A 80 11.54 13.97 27.92
N VAL A 81 11.62 13.56 26.67
CA VAL A 81 12.23 12.26 26.31
C VAL A 81 13.20 12.45 25.15
N PRO A 82 14.15 11.50 25.00
CA PRO A 82 15.10 11.68 23.89
C PRO A 82 14.49 11.40 22.51
N ASP A 83 13.49 10.54 22.42
CA ASP A 83 12.94 10.15 21.12
C ASP A 83 11.42 10.14 21.27
N THR A 84 10.77 11.22 20.83
CA THR A 84 9.36 11.42 21.09
C THR A 84 8.53 10.41 20.30
N LEU A 85 8.86 10.15 19.05
CA LEU A 85 7.97 9.22 18.32
C LEU A 85 8.06 7.78 18.81
N ARG A 86 9.25 7.37 19.26
CA ARG A 86 9.47 6.06 19.83
C ARG A 86 8.55 5.91 21.03
N VAL A 87 8.52 6.96 21.86
CA VAL A 87 7.68 6.97 23.04
C VAL A 87 6.17 6.99 22.63
N ALA A 88 5.85 7.74 21.59
CA ALA A 88 4.48 7.76 21.01
C ALA A 88 3.98 6.34 20.72
N SER A 89 4.79 5.51 20.07
CA SER A 89 4.34 4.17 19.70
C SER A 89 4.16 3.30 20.98
N ILE A 90 5.09 3.44 21.92
CA ILE A 90 4.95 2.77 23.23
C ILE A 90 3.67 3.20 23.96
N LEU A 91 3.41 4.51 24.01
CA LEU A 91 2.22 5.01 24.72
C LEU A 91 0.95 4.58 24.01
N ALA A 92 0.99 4.64 22.68
CA ALA A 92 -0.21 4.26 21.89
C ALA A 92 -0.62 2.80 22.05
N HIS A 93 0.31 1.86 21.86
CA HIS A 93 -0.03 0.46 22.01
C HIS A 93 -0.42 0.11 23.43
N THR A 94 0.20 0.81 24.39
CA THR A 94 -0.19 0.63 25.80
C THR A 94 -1.61 1.11 26.08
N LEU A 95 -1.90 2.34 25.71
CA LEU A 95 -3.23 2.92 25.95
C LEU A 95 -4.34 2.05 25.34
N TYR A 96 -4.10 1.50 24.15
CA TYR A 96 -5.16 0.80 23.41
C TYR A 96 -5.04 -0.69 23.59
N ASP A 97 -4.33 -1.08 24.65
CA ASP A 97 -4.27 -2.48 25.08
C ASP A 97 -3.72 -3.41 24.02
N TYR A 98 -2.69 -2.96 23.31
CA TYR A 98 -1.93 -3.82 22.41
C TYR A 98 -2.84 -4.46 21.35
N PRO A 99 -3.41 -3.62 20.48
CA PRO A 99 -4.42 -4.08 19.51
C PRO A 99 -3.90 -5.12 18.51
N SER A 100 -2.61 -5.05 18.11
CA SER A 100 -2.08 -6.01 17.17
C SER A 100 -1.88 -7.40 17.78
N HIS A 101 -1.95 -7.54 19.12
CA HIS A 101 -1.82 -8.84 19.80
C HIS A 101 -3.20 -9.52 19.82
N GLN A 102 -4.26 -8.73 19.60
CA GLN A 102 -5.68 -9.07 19.81
C GLN A 102 -6.38 -9.67 18.57
N LEU A 103 -5.67 -9.70 17.42
CA LEU A 103 -6.17 -10.36 16.21
C LEU A 103 -5.02 -10.91 15.37
N VAL A 104 -5.33 -11.76 14.39
CA VAL A 104 -4.34 -12.24 13.48
C VAL A 104 -3.96 -11.10 12.51
N THR A 105 -2.67 -10.83 12.37
CA THR A 105 -2.26 -9.73 11.49
C THR A 105 -1.34 -10.21 10.37
N PHE A 106 -1.70 -9.84 9.15
CA PHE A 106 -0.95 -10.19 7.93
C PHE A 106 -0.30 -8.93 7.47
N GLY A 107 0.99 -9.02 7.10
CA GLY A 107 1.68 -7.86 6.57
C GLY A 107 2.26 -8.17 5.23
N VAL A 108 2.10 -7.25 4.28
CA VAL A 108 2.60 -7.47 2.93
C VAL A 108 3.55 -6.35 2.50
N THR A 109 4.73 -6.74 2.04
CA THR A 109 5.65 -5.76 1.50
C THR A 109 6.23 -6.17 0.15
N GLY A 110 6.72 -5.19 -0.61
CA GLY A 110 7.26 -5.47 -1.93
C GLY A 110 7.06 -4.27 -2.84
N THR A 111 7.81 -4.19 -3.96
CA THR A 111 7.69 -2.99 -4.80
C THR A 111 6.32 -2.85 -5.52
N ASN A 112 5.86 -3.94 -6.13
CA ASN A 112 4.53 -3.98 -6.75
C ASN A 112 3.74 -5.10 -6.13
N GLY A 113 2.42 -4.95 -6.07
CA GLY A 113 1.50 -6.02 -5.67
C GLY A 113 1.04 -5.95 -4.22
N LYS A 114 1.51 -4.98 -3.43
CA LYS A 114 1.10 -4.93 -2.01
C LYS A 114 -0.41 -4.77 -1.89
N THR A 115 -0.98 -3.84 -2.65
CA THR A 115 -2.45 -3.61 -2.60
C THR A 115 -3.24 -4.81 -3.06
N SER A 116 -2.82 -5.37 -4.19
CA SER A 116 -3.45 -6.59 -4.72
C SER A 116 -3.43 -7.72 -3.67
N ILE A 117 -2.26 -8.07 -3.15
CA ILE A 117 -2.21 -9.20 -2.18
C ILE A 117 -2.98 -8.91 -0.91
N ALA A 118 -2.73 -7.75 -0.31
CA ALA A 118 -3.39 -7.39 0.94
C ALA A 118 -4.90 -7.37 0.79
N THR A 119 -5.37 -6.84 -0.33
CA THR A 119 -6.84 -6.78 -0.56
C THR A 119 -7.40 -8.18 -0.84
N MET A 120 -6.67 -9.02 -1.56
CA MET A 120 -7.09 -10.41 -1.83
C MET A 120 -7.19 -11.21 -0.53
N ILE A 121 -6.33 -10.92 0.46
CA ILE A 121 -6.44 -11.66 1.73
C ILE A 121 -7.70 -11.25 2.45
N HIS A 122 -7.94 -9.94 2.52
CA HIS A 122 -9.17 -9.40 3.15
C HIS A 122 -10.41 -9.96 2.46
N LEU A 123 -10.43 -9.91 1.13
CA LEU A 123 -11.58 -10.43 0.38
C LEU A 123 -11.84 -11.95 0.59
N ILE A 124 -10.77 -12.74 0.67
CA ILE A 124 -10.92 -14.18 1.00
C ILE A 124 -11.59 -14.32 2.40
N GLN A 125 -11.08 -13.55 3.36
CA GLN A 125 -11.58 -13.65 4.75
C GLN A 125 -13.07 -13.31 4.74
N ARG A 126 -13.44 -12.29 3.97
CA ARG A 126 -14.86 -11.89 3.92
C ARG A 126 -15.69 -12.97 3.28
N LYS A 127 -15.20 -13.53 2.17
CA LYS A 127 -15.89 -14.63 1.48
C LYS A 127 -16.12 -15.80 2.45
N LEU A 128 -15.16 -16.07 3.31
CA LEU A 128 -15.29 -17.09 4.35
C LEU A 128 -16.18 -16.64 5.52
N GLN A 129 -16.79 -15.46 5.43
CA GLN A 129 -17.66 -14.90 6.44
C GLN A 129 -16.99 -14.60 7.77
N LYS A 130 -15.73 -14.20 7.75
CA LYS A 130 -14.99 -13.84 8.97
C LYS A 130 -14.86 -12.34 8.93
N ASN A 131 -14.99 -11.65 10.06
CA ASN A 131 -14.72 -10.21 10.08
C ASN A 131 -13.26 -9.94 9.78
N SER A 132 -13.01 -8.92 8.95
CA SER A 132 -11.65 -8.62 8.48
C SER A 132 -11.46 -7.11 8.27
N ALA A 133 -10.21 -6.64 8.43
CA ALA A 133 -9.90 -5.23 8.16
C ALA A 133 -8.69 -5.16 7.22
N TYR A 134 -8.63 -4.07 6.45
CA TYR A 134 -7.52 -3.85 5.50
C TYR A 134 -7.03 -2.44 5.71
N LEU A 135 -5.70 -2.25 5.64
CA LEU A 135 -5.13 -0.92 5.68
C LEU A 135 -4.02 -0.81 4.63
N GLY A 136 -4.14 0.17 3.75
CA GLY A 136 -3.07 0.34 2.74
C GLY A 136 -3.37 1.49 1.81
N THR A 137 -2.90 1.39 0.58
CA THR A 137 -2.98 2.50 -0.34
C THR A 137 -4.43 2.94 -0.65
N ASN A 138 -5.35 1.98 -0.62
CA ASN A 138 -6.79 2.25 -0.84
C ASN A 138 -7.50 2.77 0.42
N GLY A 139 -6.74 2.92 1.52
CA GLY A 139 -7.27 3.54 2.74
C GLY A 139 -7.53 2.51 3.81
N PHE A 140 -8.56 2.73 4.62
CA PHE A 140 -8.87 1.81 5.73
C PHE A 140 -10.25 1.16 5.53
N GLN A 141 -10.34 -0.15 5.70
CA GLN A 141 -11.59 -0.82 5.42
C GLN A 141 -11.87 -1.78 6.57
N ILE A 142 -13.04 -1.65 7.19
CA ILE A 142 -13.52 -2.69 8.13
C ILE A 142 -14.69 -3.37 7.42
N ASN A 143 -14.57 -4.69 7.19
CA ASN A 143 -15.57 -5.46 6.41
C ASN A 143 -15.81 -4.72 5.08
N GLU A 144 -16.98 -4.10 4.90
CA GLU A 144 -17.28 -3.40 3.65
C GLU A 144 -17.30 -1.89 3.78
N THR A 145 -16.91 -1.37 4.96
CA THR A 145 -16.89 0.07 5.20
C THR A 145 -15.53 0.66 4.91
N LYS A 146 -15.46 1.64 4.00
CA LYS A 146 -14.16 2.20 3.61
C LYS A 146 -14.01 3.68 3.98
N THR A 147 -12.79 4.09 4.32
CA THR A 147 -12.41 5.52 4.34
C THR A 147 -11.07 5.63 3.61
N LYS A 148 -10.78 6.78 3.05
CA LYS A 148 -9.52 6.95 2.35
C LYS A 148 -8.50 7.61 3.28
N GLY A 149 -7.22 7.37 3.06
CA GLY A 149 -6.24 7.99 3.93
C GLY A 149 -5.12 8.59 3.10
N ALA A 150 -4.16 9.22 3.77
CA ALA A 150 -3.07 9.90 3.04
C ALA A 150 -1.85 8.98 2.71
N ASN A 151 -1.65 7.95 3.52
CA ASN A 151 -0.50 7.07 3.28
C ASN A 151 -0.92 5.62 3.01
N THR A 152 -0.02 4.86 2.40
CA THR A 152 -0.09 3.38 2.42
C THR A 152 0.08 2.79 3.83
N THR A 153 1.10 3.30 4.55
CA THR A 153 1.29 2.98 5.96
C THR A 153 1.27 4.31 6.73
N PRO A 154 0.17 4.58 7.45
CA PRO A 154 0.06 5.90 8.15
C PRO A 154 0.98 5.94 9.35
N GLU A 155 1.25 7.16 9.83
CA GLU A 155 2.06 7.38 11.02
C GLU A 155 1.55 6.59 12.22
N THR A 156 2.47 6.27 13.12
CA THR A 156 2.23 5.34 14.21
C THR A 156 0.92 5.51 15.00
N VAL A 157 0.60 6.72 15.42
CA VAL A 157 -0.61 6.88 16.25
C VAL A 157 -1.91 6.58 15.46
N SER A 158 -2.03 7.18 14.28
CA SER A 158 -3.19 6.91 13.39
C SER A 158 -3.29 5.44 13.10
N LEU A 159 -2.14 4.83 12.81
CA LEU A 159 -2.12 3.42 12.43
C LEU A 159 -2.56 2.56 13.58
N THR A 160 -2.05 2.89 14.77
CA THR A 160 -2.37 2.11 15.94
C THR A 160 -3.87 2.24 16.29
N LYS A 161 -4.41 3.45 16.13
CA LYS A 161 -5.84 3.71 16.37
C LYS A 161 -6.69 2.91 15.43
N LYS A 162 -6.18 2.73 14.22
CA LYS A 162 -6.94 1.96 13.21
C LYS A 162 -6.96 0.49 13.50
N ILE A 163 -5.84 -0.06 13.97
CA ILE A 163 -5.85 -1.44 14.44
C ILE A 163 -6.81 -1.59 15.62
N LYS A 164 -6.85 -0.62 16.53
CA LYS A 164 -7.79 -0.68 17.65
C LYS A 164 -9.26 -0.67 17.18
N GLU A 165 -9.56 0.13 16.15
CA GLU A 165 -10.92 0.26 15.62
C GLU A 165 -11.34 -1.08 15.04
N ALA A 166 -10.37 -1.78 14.41
CA ALA A 166 -10.62 -3.12 13.83
C ALA A 166 -10.87 -4.10 14.96
N VAL A 167 -10.07 -4.02 16.02
CA VAL A 167 -10.32 -4.93 17.15
C VAL A 167 -11.72 -4.64 17.72
N ASP A 168 -12.02 -3.36 17.97
CA ASP A 168 -13.35 -2.97 18.57
C ASP A 168 -14.53 -3.35 17.69
N ALA A 169 -14.34 -3.28 16.38
CA ALA A 169 -15.37 -3.72 15.45
C ALA A 169 -15.50 -5.26 15.37
N GLY A 170 -14.63 -5.99 16.05
CA GLY A 170 -14.68 -7.48 16.08
C GLY A 170 -13.97 -8.20 14.95
N ALA A 171 -13.06 -7.50 14.24
CA ALA A 171 -12.19 -8.15 13.26
C ALA A 171 -11.43 -9.36 13.83
N GLU A 172 -11.42 -10.45 13.06
CA GLU A 172 -10.79 -11.69 13.46
C GLU A 172 -9.40 -11.65 12.92
N SER A 173 -9.23 -10.86 11.87
CA SER A 173 -7.92 -10.59 11.33
C SER A 173 -7.84 -9.21 10.70
N MET A 174 -6.62 -8.74 10.44
CA MET A 174 -6.43 -7.48 9.76
C MET A 174 -5.22 -7.61 8.85
N THR A 175 -5.32 -7.05 7.66
CA THR A 175 -4.17 -7.10 6.76
C THR A 175 -3.67 -5.73 6.50
N LEU A 176 -2.34 -5.54 6.59
CA LEU A 176 -1.76 -4.21 6.39
C LEU A 176 -0.75 -4.25 5.27
N GLU A 177 -0.79 -3.24 4.39
CA GLU A 177 0.38 -3.06 3.50
C GLU A 177 1.53 -2.42 4.29
N VAL A 178 2.75 -2.87 4.05
CA VAL A 178 3.82 -2.40 4.89
C VAL A 178 4.78 -1.68 3.93
N SER A 179 4.74 -0.35 3.87
CA SER A 179 5.66 0.34 2.93
C SER A 179 7.12 0.34 3.47
N SER A 180 8.13 0.43 2.57
CA SER A 180 9.51 0.47 3.06
C SER A 180 9.74 1.75 3.91
N HIS A 181 9.05 2.85 3.53
CA HIS A 181 9.06 4.11 4.34
C HIS A 181 8.55 3.88 5.72
N GLY A 182 7.36 3.25 5.80
CA GLY A 182 6.69 2.98 7.10
C GLY A 182 7.62 2.27 8.05
N LEU A 183 8.34 1.27 7.50
CA LEU A 183 9.28 0.47 8.29
C LEU A 183 10.45 1.32 8.83
N VAL A 184 11.17 1.98 7.93
CA VAL A 184 12.35 2.80 8.30
C VAL A 184 11.99 3.91 9.28
N LEU A 185 10.87 4.59 9.01
CA LEU A 185 10.47 5.75 9.77
C LEU A 185 9.83 5.38 11.10
N GLY A 186 9.59 4.10 11.36
CA GLY A 186 9.03 3.70 12.70
C GLY A 186 7.51 3.75 12.81
N ARG A 187 6.86 3.89 11.65
CA ARG A 187 5.39 3.97 11.61
C ARG A 187 4.74 2.71 12.17
N LEU A 188 5.44 1.55 12.05
CA LEU A 188 4.94 0.25 12.48
C LEU A 188 5.52 -0.26 13.83
N ARG A 189 6.19 0.63 14.58
CA ARG A 189 6.63 0.28 15.92
C ARG A 189 5.45 -0.17 16.79
N GLY A 190 5.59 -1.30 17.47
CA GLY A 190 4.47 -1.88 18.25
C GLY A 190 3.54 -2.84 17.50
N VAL A 191 3.65 -2.89 16.18
CA VAL A 191 2.69 -3.71 15.41
C VAL A 191 3.21 -5.12 15.25
N GLU A 192 2.61 -6.04 15.99
CA GLU A 192 2.99 -7.46 15.95
C GLU A 192 2.33 -8.04 14.70
N PHE A 193 3.12 -8.69 13.85
CA PHE A 193 2.61 -9.44 12.69
C PHE A 193 2.67 -10.94 12.94
N ASP A 194 1.66 -11.66 12.42
CA ASP A 194 1.60 -13.11 12.48
C ASP A 194 2.06 -13.75 11.20
N VAL A 195 1.76 -13.12 10.08
CA VAL A 195 2.26 -13.60 8.77
C VAL A 195 2.86 -12.44 8.02
N ALA A 196 4.06 -12.64 7.47
CA ALA A 196 4.72 -11.63 6.64
C ALA A 196 4.85 -12.19 5.23
N ILE A 197 4.46 -11.36 4.24
CA ILE A 197 4.35 -11.78 2.85
C ILE A 197 5.19 -10.80 2.00
N PHE A 198 5.96 -11.38 1.08
CA PHE A 198 6.86 -10.64 0.19
C PHE A 198 6.37 -10.83 -1.22
N SER A 199 6.31 -9.73 -1.99
CA SER A 199 5.95 -9.83 -3.39
C SER A 199 7.20 -9.79 -4.27
N ASN A 200 7.87 -8.66 -4.33
CA ASN A 200 9.06 -8.51 -5.23
C ASN A 200 9.89 -7.31 -4.80
N LEU A 201 11.09 -7.16 -5.38
CA LEU A 201 11.93 -6.03 -5.07
C LEU A 201 12.57 -5.55 -6.36
N THR A 202 12.16 -4.39 -6.86
CA THR A 202 12.76 -3.78 -8.08
C THR A 202 12.86 -2.29 -7.79
N GLN A 203 13.62 -1.55 -8.63
CA GLN A 203 14.01 -0.21 -8.27
C GLN A 203 12.84 0.75 -8.05
N ASP A 204 12.79 1.36 -6.88
CA ASP A 204 11.76 2.33 -6.54
C ASP A 204 12.19 2.97 -5.24
N HIS A 205 11.69 4.18 -4.98
CA HIS A 205 11.91 4.88 -3.73
C HIS A 205 13.37 5.19 -3.37
N LEU A 206 14.24 5.35 -4.37
CA LEU A 206 15.65 5.58 -4.07
C LEU A 206 15.93 7.01 -3.67
N ASP A 207 14.98 7.91 -3.94
CA ASP A 207 15.07 9.29 -3.43
C ASP A 207 14.99 9.23 -1.90
N PHE A 208 14.40 8.16 -1.36
CA PHE A 208 14.33 7.97 0.08
C PHE A 208 15.43 7.03 0.58
N HIS A 209 15.61 5.87 -0.07
CA HIS A 209 16.59 4.90 0.43
C HIS A 209 18.02 5.11 0.01
N GLY A 210 18.26 5.90 -1.05
CA GLY A 210 19.62 6.06 -1.58
C GLY A 210 20.05 4.89 -2.45
N THR A 211 20.05 3.66 -1.93
CA THR A 211 20.54 2.49 -2.69
C THR A 211 19.53 1.34 -2.70
N MET A 212 19.61 0.47 -3.71
CA MET A 212 18.86 -0.79 -3.74
C MET A 212 19.12 -1.65 -2.50
N GLU A 213 20.40 -1.66 -2.13
N GLU A 213 20.39 -1.67 -2.09
CA GLU A 213 20.86 -2.32 -0.92
CA GLU A 213 20.77 -2.44 -0.90
C GLU A 213 20.03 -1.92 0.30
C GLU A 213 20.05 -1.94 0.38
N ALA A 214 20.04 -0.63 0.61
CA ALA A 214 19.28 -0.05 1.74
C ALA A 214 17.78 -0.30 1.60
N TYR A 215 17.27 -0.16 0.36
CA TYR A 215 15.86 -0.38 0.07
C TYR A 215 15.47 -1.82 0.45
N GLY A 216 16.22 -2.79 -0.05
CA GLY A 216 15.91 -4.21 0.34
C GLY A 216 16.07 -4.50 1.84
N HIS A 217 17.11 -3.96 2.42
CA HIS A 217 17.25 -4.12 3.87
C HIS A 217 16.09 -3.49 4.63
N ALA A 218 15.60 -2.34 4.19
CA ALA A 218 14.38 -1.77 4.78
C ALA A 218 13.25 -2.80 4.81
N KCX A 219 12.96 -3.44 3.69
CA KCX A 219 11.84 -4.39 3.57
CB KCX A 219 11.58 -4.85 2.13
CG KCX A 219 10.94 -3.74 1.29
CD KCX A 219 10.36 -4.29 -0.03
CE KCX A 219 9.77 -3.18 -0.94
NZ KCX A 219 8.66 -2.53 -0.25
C KCX A 219 12.10 -5.64 4.41
O KCX A 219 11.16 -6.15 4.99
CX KCX A 219 8.03 -1.45 -0.70
OQ1 KCX A 219 8.44 -0.90 -1.87
OQ2 KCX A 219 7.07 -0.95 -0.05
N SER A 220 13.38 -6.09 4.52
CA SER A 220 13.65 -7.22 5.45
C SER A 220 13.20 -6.98 6.89
N LEU A 221 13.06 -5.72 7.35
CA LEU A 221 12.61 -5.51 8.72
C LEU A 221 11.26 -6.16 9.01
N LEU A 222 10.34 -6.15 8.03
CA LEU A 222 9.03 -6.82 8.30
C LEU A 222 9.22 -8.28 8.75
N PHE A 223 10.21 -8.90 8.16
CA PHE A 223 10.48 -10.34 8.36
C PHE A 223 11.23 -10.59 9.65
N SER A 224 12.30 -9.81 9.88
CA SER A 224 13.08 -10.00 11.09
C SER A 224 12.30 -9.53 12.34
N GLN A 225 11.43 -8.51 12.17
CA GLN A 225 10.65 -8.00 13.31
C GLN A 225 9.52 -8.92 13.81
N LEU A 226 9.25 -9.99 13.09
CA LEU A 226 8.43 -11.06 13.61
C LEU A 226 8.93 -11.62 14.92
N GLY A 227 10.26 -11.52 15.15
CA GLY A 227 10.85 -11.92 16.42
C GLY A 227 11.26 -13.37 16.47
N GLU A 228 11.34 -13.90 17.70
CA GLU A 228 12.01 -15.18 17.96
C GLU A 228 11.21 -16.17 18.84
N ASP A 229 9.96 -15.86 19.15
CA ASP A 229 9.19 -16.76 20.06
C ASP A 229 8.60 -17.90 19.21
N LEU A 230 9.23 -19.06 19.27
CA LEU A 230 8.82 -20.20 18.45
C LEU A 230 7.65 -20.95 19.03
N SER A 231 7.11 -20.51 20.15
CA SER A 231 5.78 -21.00 20.56
C SER A 231 4.64 -20.36 19.77
N LYS A 232 4.94 -19.29 19.03
CA LYS A 232 3.90 -18.56 18.33
C LYS A 232 3.75 -19.15 16.94
N GLU A 233 2.53 -19.14 16.44
CA GLU A 233 2.28 -19.65 15.10
C GLU A 233 2.43 -18.48 14.12
N LYS A 234 3.64 -18.26 13.66
CA LYS A 234 3.88 -17.18 12.68
C LYS A 234 4.51 -17.80 11.44
N TYR A 235 4.34 -17.16 10.27
CA TYR A 235 4.77 -17.74 9.02
C TYR A 235 5.22 -16.64 8.06
N VAL A 236 6.07 -17.05 7.13
CA VAL A 236 6.61 -16.17 6.12
C VAL A 236 6.28 -16.75 4.73
N VAL A 237 5.93 -15.88 3.77
CA VAL A 237 5.42 -16.33 2.45
C VAL A 237 6.25 -15.53 1.45
N LEU A 238 7.03 -16.24 0.65
CA LEU A 238 8.02 -15.62 -0.18
C LEU A 238 7.88 -15.99 -1.64
N ASN A 239 8.18 -15.02 -2.49
CA ASN A 239 8.15 -15.25 -3.92
C ASN A 239 9.50 -15.81 -4.43
N ASN A 240 9.56 -17.11 -4.74
CA ASN A 240 10.80 -17.70 -5.33
C ASN A 240 11.22 -17.15 -6.73
N ASP A 241 10.31 -16.48 -7.43
CA ASP A 241 10.68 -15.80 -8.69
C ASP A 241 11.42 -14.50 -8.47
N ASP A 242 11.56 -14.08 -7.22
CA ASP A 242 12.37 -12.89 -6.95
C ASP A 242 13.62 -13.32 -6.18
N SER A 243 14.77 -12.86 -6.64
CA SER A 243 16.03 -13.33 -6.07
C SER A 243 16.31 -12.78 -4.67
N PHE A 244 15.56 -11.76 -4.20
CA PHE A 244 15.73 -11.27 -2.80
C PHE A 244 15.15 -12.24 -1.78
N SER A 245 14.32 -13.18 -2.21
CA SER A 245 13.75 -14.15 -1.24
C SER A 245 14.84 -15.01 -0.56
N GLU A 246 15.92 -15.26 -1.29
CA GLU A 246 16.98 -16.02 -0.68
C GLU A 246 17.57 -15.32 0.58
N TYR A 247 17.79 -14.00 0.48
CA TYR A 247 18.17 -13.18 1.61
C TYR A 247 17.09 -13.14 2.73
N LEU A 248 15.80 -12.98 2.37
CA LEU A 248 14.74 -12.94 3.39
C LEU A 248 14.66 -14.19 4.33
N ARG A 249 14.79 -15.38 3.76
N ARG A 249 14.81 -15.40 3.78
CA ARG A 249 14.94 -16.62 4.51
CA ARG A 249 14.88 -16.65 4.56
C ARG A 249 15.76 -16.39 5.78
C ARG A 249 15.88 -16.59 5.75
N THR A 250 16.94 -15.81 5.58
CA THR A 250 17.97 -15.77 6.61
C THR A 250 17.63 -14.86 7.80
N VAL A 251 16.60 -14.00 7.72
CA VAL A 251 16.46 -12.93 8.75
C VAL A 251 15.37 -13.28 9.79
N THR A 252 14.81 -14.48 9.61
CA THR A 252 13.67 -14.94 10.44
C THR A 252 13.74 -16.47 10.71
N PRO A 253 13.32 -16.94 11.91
CA PRO A 253 13.28 -18.38 12.25
C PRO A 253 12.00 -19.10 11.82
N TYR A 254 10.95 -18.37 11.46
CA TYR A 254 9.65 -19.01 11.28
C TYR A 254 9.58 -19.84 10.01
N GLU A 255 8.64 -20.79 9.93
CA GLU A 255 8.64 -21.61 8.73
C GLU A 255 8.28 -20.72 7.51
N VAL A 256 8.98 -20.94 6.39
CA VAL A 256 8.84 -20.23 5.13
C VAL A 256 8.09 -21.06 4.10
N PHE A 257 7.09 -20.45 3.44
CA PHE A 257 6.32 -21.08 2.34
C PHE A 257 6.65 -20.30 1.08
N SER A 258 7.10 -21.01 0.02
CA SER A 258 7.53 -20.33 -1.20
C SER A 258 6.52 -20.55 -2.28
N TYR A 259 6.35 -19.55 -3.11
CA TYR A 259 5.52 -19.68 -4.31
C TYR A 259 6.32 -19.23 -5.52
N GLY A 260 5.93 -19.69 -6.71
CA GLY A 260 6.70 -19.47 -7.92
C GLY A 260 5.87 -19.81 -9.15
N ILE A 261 6.22 -19.21 -10.29
CA ILE A 261 5.70 -19.66 -11.57
C ILE A 261 6.94 -20.04 -12.40
N ASP A 262 7.90 -19.12 -12.51
CA ASP A 262 9.12 -19.39 -13.29
C ASP A 262 10.15 -20.27 -12.58
N GLU A 263 10.29 -20.13 -11.26
CA GLU A 263 11.26 -20.93 -10.47
C GLU A 263 10.54 -21.92 -9.62
N GLU A 264 11.24 -23.02 -9.26
CA GLU A 264 10.66 -24.07 -8.41
C GLU A 264 10.31 -23.48 -7.05
N ALA A 265 9.16 -23.85 -6.49
CA ALA A 265 8.76 -23.38 -5.17
C ALA A 265 7.83 -24.44 -4.62
N GLN A 266 7.49 -24.36 -3.33
CA GLN A 266 6.56 -25.26 -2.73
C GLN A 266 5.14 -25.17 -3.28
N PHE A 267 4.76 -23.94 -3.64
CA PHE A 267 3.48 -23.65 -4.24
C PHE A 267 3.76 -23.06 -5.62
N MET A 268 3.23 -23.69 -6.65
CA MET A 268 3.44 -23.19 -8.01
C MET A 268 2.19 -23.11 -8.87
N ALA A 269 2.24 -22.27 -9.91
CA ALA A 269 1.16 -22.23 -10.87
C ALA A 269 1.60 -22.82 -12.22
N LYS A 270 0.83 -23.81 -12.68
CA LYS A 270 1.09 -24.56 -13.94
C LYS A 270 -0.13 -24.48 -14.86
N ASN A 271 0.13 -24.67 -16.15
CA ASN A 271 -0.98 -24.89 -17.10
C ASN A 271 -1.91 -23.66 -17.05
N ILE A 272 -1.31 -22.47 -17.19
CA ILE A 272 -1.99 -21.21 -16.96
C ILE A 272 -2.79 -20.85 -18.23
N GLN A 273 -4.06 -20.55 -18.06
CA GLN A 273 -4.87 -20.02 -19.16
C GLN A 273 -5.39 -18.64 -18.82
N GLU A 274 -5.26 -17.72 -19.77
CA GLU A 274 -5.52 -16.29 -19.56
C GLU A 274 -6.72 -15.76 -20.35
N SER A 275 -7.44 -14.81 -19.77
CA SER A 275 -8.50 -14.12 -20.51
C SER A 275 -8.66 -12.74 -19.86
N LEU A 276 -9.34 -11.81 -20.51
CA LEU A 276 -9.64 -10.54 -19.85
C LEU A 276 -10.65 -10.69 -18.70
N GLN A 277 -11.23 -11.87 -18.63
CA GLN A 277 -12.23 -12.21 -17.62
C GLN A 277 -11.63 -12.99 -16.43
N GLY A 278 -10.32 -13.26 -16.44
CA GLY A 278 -9.77 -14.09 -15.36
C GLY A 278 -8.91 -15.21 -15.92
N VAL A 279 -8.43 -16.06 -15.01
CA VAL A 279 -7.47 -17.09 -15.33
C VAL A 279 -7.93 -18.42 -14.75
N SER A 280 -7.40 -19.52 -15.32
CA SER A 280 -7.42 -20.80 -14.62
C SER A 280 -5.97 -21.30 -14.56
N PHE A 281 -5.68 -22.13 -13.56
CA PHE A 281 -4.34 -22.71 -13.42
C PHE A 281 -4.39 -23.91 -12.49
N ASP A 282 -3.35 -24.73 -12.59
CA ASP A 282 -3.16 -25.83 -11.67
C ASP A 282 -2.23 -25.36 -10.56
N PHE A 283 -2.73 -25.48 -9.34
CA PHE A 283 -2.05 -24.92 -8.15
C PHE A 283 -1.31 -26.10 -7.50
N VAL A 284 -0.02 -26.26 -7.82
CA VAL A 284 0.80 -27.32 -7.20
C VAL A 284 1.07 -26.88 -5.75
N THR A 285 0.77 -27.75 -4.79
CA THR A 285 1.03 -27.44 -3.41
C THR A 285 1.77 -28.66 -2.79
N PRO A 286 2.26 -28.54 -1.53
CA PRO A 286 2.94 -29.74 -1.02
C PRO A 286 2.01 -30.90 -0.75
N PHE A 287 0.71 -30.66 -0.78
CA PHE A 287 -0.28 -31.67 -0.37
C PHE A 287 -1.03 -32.26 -1.57
N GLY A 288 -0.68 -31.83 -2.78
CA GLY A 288 -1.43 -32.12 -3.99
C GLY A 288 -1.55 -30.89 -4.89
N THR A 289 -2.05 -31.13 -6.09
CA THR A 289 -2.27 -30.10 -7.08
C THR A 289 -3.78 -29.93 -7.33
N TYR A 290 -4.26 -28.68 -7.33
CA TYR A 290 -5.70 -28.41 -7.41
C TYR A 290 -6.01 -27.36 -8.45
N PRO A 291 -7.09 -27.58 -9.25
CA PRO A 291 -7.47 -26.55 -10.22
C PRO A 291 -8.02 -25.31 -9.54
N VAL A 292 -7.52 -24.15 -9.94
CA VAL A 292 -7.98 -22.85 -9.42
C VAL A 292 -8.58 -21.98 -10.53
N LYS A 293 -9.74 -21.42 -10.24
CA LYS A 293 -10.30 -20.36 -11.07
C LYS A 293 -10.20 -19.04 -10.31
N SER A 294 -9.59 -18.05 -10.95
CA SER A 294 -9.45 -16.73 -10.36
C SER A 294 -10.03 -15.63 -11.27
N PRO A 295 -10.69 -14.63 -10.66
CA PRO A 295 -11.28 -13.56 -11.50
C PRO A 295 -10.23 -12.55 -12.00
N TYR A 296 -9.05 -12.54 -11.39
CA TYR A 296 -8.02 -11.53 -11.72
C TYR A 296 -7.32 -11.82 -13.02
N VAL A 297 -6.79 -10.80 -13.65
CA VAL A 297 -6.16 -10.89 -14.97
C VAL A 297 -4.64 -10.99 -14.87
N GLY A 298 -4.06 -11.90 -15.67
CA GLY A 298 -2.61 -11.98 -15.88
C GLY A 298 -1.77 -12.81 -14.92
N LYS A 299 -0.51 -13.05 -15.32
CA LYS A 299 0.37 -13.95 -14.54
C LYS A 299 0.81 -13.30 -13.23
N PHE A 300 1.04 -11.98 -13.25
CA PHE A 300 1.47 -11.27 -12.06
C PHE A 300 0.38 -11.44 -10.98
N ASN A 301 -0.88 -11.31 -11.40
CA ASN A 301 -1.99 -11.58 -10.48
C ASN A 301 -2.16 -13.01 -10.03
N ILE A 302 -1.58 -13.96 -10.75
CA ILE A 302 -1.51 -15.33 -10.30
C ILE A 302 -0.44 -15.47 -9.17
N SER A 303 0.75 -14.90 -9.32
CA SER A 303 1.69 -14.78 -8.15
C SER A 303 0.95 -14.17 -6.92
N ASN A 304 0.28 -13.04 -7.16
CA ASN A 304 -0.45 -12.37 -6.09
C ASN A 304 -1.49 -13.21 -5.39
N ILE A 305 -2.36 -13.91 -6.17
CA ILE A 305 -3.43 -14.74 -5.53
C ILE A 305 -2.81 -15.94 -4.82
N MET A 306 -1.69 -16.41 -5.34
CA MET A 306 -0.99 -17.51 -4.67
C MET A 306 -0.51 -17.08 -3.28
N ALA A 307 0.11 -15.90 -3.20
CA ALA A 307 0.59 -15.33 -1.91
C ALA A 307 -0.55 -15.20 -0.92
N ALA A 308 -1.68 -14.66 -1.40
CA ALA A 308 -2.85 -14.48 -0.55
C ALA A 308 -3.46 -15.79 -0.04
N MET A 309 -3.59 -16.79 -0.92
CA MET A 309 -4.10 -18.10 -0.52
C MET A 309 -3.20 -18.79 0.52
N ILE A 310 -1.91 -18.78 0.24
CA ILE A 310 -0.93 -19.38 1.18
C ILE A 310 -0.95 -18.68 2.54
N ALA A 311 -1.06 -17.35 2.54
CA ALA A 311 -1.14 -16.57 3.81
C ALA A 311 -2.34 -17.06 4.60
N VAL A 312 -3.52 -17.11 3.99
CA VAL A 312 -4.72 -17.53 4.73
C VAL A 312 -4.62 -19.00 5.15
N TRP A 313 -4.10 -19.84 4.27
CA TRP A 313 -3.95 -21.25 4.60
C TRP A 313 -3.04 -21.44 5.83
N SER A 314 -1.93 -20.70 5.87
CA SER A 314 -0.94 -20.83 6.94
C SER A 314 -1.55 -20.73 8.33
N LYS A 315 -2.57 -19.89 8.51
CA LYS A 315 -3.23 -19.76 9.84
C LYS A 315 -4.34 -20.75 10.13
N GLY A 316 -4.51 -21.75 9.27
CA GLY A 316 -5.25 -22.92 9.63
C GLY A 316 -6.49 -23.18 8.81
N THR A 317 -6.72 -22.42 7.73
CA THR A 317 -7.96 -22.63 6.93
C THR A 317 -7.63 -23.57 5.79
N SER A 318 -8.50 -24.55 5.53
CA SER A 318 -8.19 -25.56 4.55
C SER A 318 -8.05 -24.96 3.14
N LEU A 319 -7.19 -25.55 2.32
CA LEU A 319 -6.93 -25.00 0.97
C LEU A 319 -8.14 -25.12 0.05
N GLU A 320 -8.88 -26.21 0.22
CA GLU A 320 -10.07 -26.46 -0.54
C GLU A 320 -11.12 -25.34 -0.37
N THR A 321 -11.33 -24.91 0.88
CA THR A 321 -12.30 -23.86 1.19
C THR A 321 -11.82 -22.49 0.62
N ILE A 322 -10.52 -22.21 0.79
CA ILE A 322 -9.90 -21.00 0.16
C ILE A 322 -10.07 -21.01 -1.36
N ILE A 323 -9.77 -22.14 -1.99
CA ILE A 323 -9.79 -22.18 -3.46
C ILE A 323 -11.21 -21.88 -3.95
N LYS A 324 -12.21 -22.43 -3.23
CA LYS A 324 -13.59 -22.17 -3.59
C LYS A 324 -13.96 -20.69 -3.39
N ALA A 325 -13.44 -20.08 -2.32
CA ALA A 325 -13.74 -18.69 -1.99
C ALA A 325 -13.17 -17.77 -3.08
N VAL A 326 -12.06 -18.17 -3.67
CA VAL A 326 -11.34 -17.28 -4.62
C VAL A 326 -12.12 -17.02 -5.93
N GLU A 327 -12.92 -18.01 -6.30
CA GLU A 327 -13.59 -18.04 -7.59
C GLU A 327 -14.40 -16.77 -7.90
N ASN A 328 -15.25 -16.33 -7.00
CA ASN A 328 -15.95 -15.08 -7.32
C ASN A 328 -15.51 -13.91 -6.41
N LEU A 329 -14.22 -13.72 -6.28
CA LEU A 329 -13.74 -12.61 -5.44
C LEU A 329 -13.91 -11.32 -6.24
N GLU A 330 -14.22 -10.26 -5.51
CA GLU A 330 -14.47 -8.91 -6.03
C GLU A 330 -13.19 -8.31 -6.60
N PRO A 331 -13.32 -7.37 -7.54
CA PRO A 331 -12.14 -6.70 -8.06
C PRO A 331 -11.37 -5.93 -6.96
N VAL A 332 -10.05 -5.81 -7.14
CA VAL A 332 -9.27 -4.94 -6.30
C VAL A 332 -9.30 -3.55 -6.92
N GLU A 333 -9.73 -2.55 -6.18
CA GLU A 333 -9.92 -1.24 -6.77
C GLU A 333 -8.60 -0.67 -7.30
N GLY A 334 -8.63 -0.27 -8.57
CA GLY A 334 -7.50 0.42 -9.19
C GLY A 334 -6.39 -0.50 -9.65
N ARG A 335 -6.53 -1.82 -9.42
CA ARG A 335 -5.48 -2.80 -9.74
C ARG A 335 -6.02 -3.69 -10.83
N LEU A 336 -5.39 -3.60 -12.02
CA LEU A 336 -5.87 -4.16 -13.31
C LEU A 336 -7.42 -4.35 -13.43
N GLU A 337 -8.15 -3.24 -13.33
CA GLU A 337 -9.60 -3.24 -13.49
C GLU A 337 -10.00 -3.02 -14.94
N VAL A 338 -10.80 -3.94 -15.47
CA VAL A 338 -11.40 -3.83 -16.80
C VAL A 338 -12.73 -3.10 -16.59
N LEU A 339 -12.86 -1.91 -17.17
CA LEU A 339 -14.05 -1.14 -16.90
C LEU A 339 -15.11 -1.59 -17.88
N ASP A 340 -16.33 -1.14 -17.68
CA ASP A 340 -17.51 -1.54 -18.49
C ASP A 340 -17.24 -2.35 -19.78
N PRO A 341 -17.33 -3.70 -19.70
CA PRO A 341 -17.02 -4.39 -20.95
C PRO A 341 -18.10 -4.24 -22.02
N SER A 342 -19.12 -3.43 -21.79
CA SER A 342 -20.12 -3.23 -22.85
C SER A 342 -19.66 -2.15 -23.84
N LEU A 343 -18.75 -1.27 -23.40
CA LEU A 343 -18.01 -0.40 -24.33
C LEU A 343 -17.42 -1.22 -25.45
N PRO A 344 -17.34 -0.65 -26.68
CA PRO A 344 -16.70 -1.30 -27.84
C PRO A 344 -15.18 -1.22 -27.85
N ILE A 345 -14.60 -0.59 -26.81
CA ILE A 345 -13.16 -0.64 -26.56
C ILE A 345 -12.93 -1.33 -25.23
N ASP A 346 -11.76 -1.94 -25.09
CA ASP A 346 -11.28 -2.45 -23.79
C ASP A 346 -10.75 -1.26 -22.99
N LEU A 347 -11.39 -0.90 -21.89
CA LEU A 347 -10.89 0.22 -21.09
C LEU A 347 -10.37 -0.36 -19.77
N ILE A 348 -9.09 -0.16 -19.48
CA ILE A 348 -8.44 -0.84 -18.32
C ILE A 348 -7.73 0.23 -17.50
N ILE A 349 -7.87 0.18 -16.18
CA ILE A 349 -7.10 1.07 -15.31
C ILE A 349 -6.16 0.23 -14.42
N ASP A 350 -5.03 0.82 -14.02
CA ASP A 350 -4.06 0.10 -13.18
C ASP A 350 -3.10 1.07 -12.51
N TYR A 351 -2.61 0.68 -11.34
CA TYR A 351 -1.76 1.55 -10.56
C TYR A 351 -0.30 1.51 -11.03
N ALA A 352 0.08 0.57 -11.90
CA ALA A 352 1.55 0.39 -12.26
C ALA A 352 2.24 1.72 -12.54
N HIS A 353 3.37 2.00 -11.89
CA HIS A 353 4.00 3.31 -12.05
C HIS A 353 5.51 3.25 -11.90
N THR A 354 6.05 2.05 -12.05
CA THR A 354 7.49 1.87 -12.30
C THR A 354 7.63 0.96 -13.51
N ALA A 355 8.84 0.97 -14.08
CA ALA A 355 9.12 0.20 -15.27
C ALA A 355 8.73 -1.26 -15.15
N ASP A 356 9.12 -1.93 -14.06
CA ASP A 356 8.73 -3.33 -13.83
C ASP A 356 7.19 -3.55 -13.70
N GLY A 357 6.50 -2.68 -12.99
CA GLY A 357 5.05 -2.85 -12.82
C GLY A 357 4.34 -2.66 -14.17
N MET A 358 4.91 -1.78 -15.00
CA MET A 358 4.34 -1.50 -16.35
C MET A 358 4.52 -2.71 -17.26
N ASN A 359 5.69 -3.34 -17.22
CA ASN A 359 5.94 -4.57 -17.99
C ASN A 359 4.96 -5.67 -17.60
N LYS A 360 4.71 -5.83 -16.31
CA LYS A 360 3.75 -6.85 -15.89
C LYS A 360 2.32 -6.53 -16.38
N LEU A 361 1.96 -5.26 -16.31
CA LEU A 361 0.65 -4.84 -16.79
C LEU A 361 0.50 -5.11 -18.30
N ILE A 362 1.50 -4.69 -19.07
CA ILE A 362 1.46 -4.85 -20.50
C ILE A 362 1.55 -6.30 -20.91
N ASP A 363 2.40 -7.08 -20.25
CA ASP A 363 2.39 -8.53 -20.41
C ASP A 363 1.01 -9.15 -20.23
N ALA A 364 0.23 -8.64 -19.28
CA ALA A 364 -1.05 -9.27 -18.96
C ALA A 364 -2.15 -8.90 -19.98
N VAL A 365 -2.10 -7.66 -20.51
CA VAL A 365 -3.12 -7.07 -21.41
C VAL A 365 -2.87 -7.38 -22.91
N GLN A 366 -1.59 -7.40 -23.27
CA GLN A 366 -1.15 -7.52 -24.65
C GLN A 366 -1.69 -8.73 -25.43
N PRO A 367 -1.67 -9.96 -24.85
CA PRO A 367 -2.19 -11.08 -25.66
C PRO A 367 -3.62 -10.88 -26.14
N PHE A 368 -4.31 -9.87 -25.62
CA PHE A 368 -5.74 -9.63 -25.87
C PHE A 368 -6.03 -8.39 -26.68
N VAL A 369 -4.98 -7.67 -27.07
CA VAL A 369 -5.11 -6.52 -27.97
C VAL A 369 -5.43 -7.05 -29.37
N LYS A 370 -6.57 -6.62 -29.92
CA LYS A 370 -7.03 -7.12 -31.21
C LYS A 370 -6.59 -6.13 -32.30
N GLN A 371 -6.53 -4.86 -31.93
CA GLN A 371 -6.08 -3.80 -32.84
C GLN A 371 -4.96 -3.01 -32.18
N LYS A 372 -5.23 -1.77 -31.80
CA LYS A 372 -4.15 -0.93 -31.26
C LYS A 372 -4.21 -0.81 -29.71
N LEU A 373 -3.03 -0.85 -29.09
CA LEU A 373 -2.86 -0.61 -27.66
C LEU A 373 -2.53 0.86 -27.47
N ILE A 374 -3.42 1.52 -26.76
CA ILE A 374 -3.26 2.93 -26.50
C ILE A 374 -3.01 2.98 -25.00
N PHE A 375 -1.84 3.50 -24.64
CA PHE A 375 -1.33 3.42 -23.24
C PHE A 375 -0.97 4.79 -22.70
N LEU A 376 -1.66 5.19 -21.65
CA LEU A 376 -1.39 6.40 -20.89
C LEU A 376 -0.68 6.08 -19.55
N VAL A 377 0.39 6.84 -19.24
CA VAL A 377 1.10 6.70 -17.96
C VAL A 377 1.50 8.07 -17.42
N GLY A 378 1.60 8.14 -16.10
CA GLY A 378 2.08 9.34 -15.41
C GLY A 378 3.36 9.04 -14.67
N MET A 379 4.19 10.07 -14.50
CA MET A 379 5.35 10.02 -13.57
C MET A 379 5.03 10.91 -12.41
N ALA A 380 5.39 10.48 -11.20
CA ALA A 380 5.09 11.21 -10.01
C ALA A 380 6.05 12.36 -9.87
N GLY A 381 5.55 13.47 -9.33
CA GLY A 381 6.37 14.62 -8.94
C GLY A 381 7.23 14.37 -7.71
N GLU A 382 8.38 15.02 -7.67
CA GLU A 382 9.23 15.06 -6.48
C GLU A 382 9.67 13.66 -6.05
N ARG A 383 9.92 12.80 -7.05
CA ARG A 383 10.46 11.43 -6.88
C ARG A 383 11.72 11.23 -7.69
N ASP A 384 12.49 10.18 -7.39
CA ASP A 384 13.65 9.79 -8.21
C ASP A 384 13.27 9.59 -9.71
N LEU A 385 13.95 10.29 -10.60
CA LEU A 385 13.65 10.21 -12.01
C LEU A 385 14.56 9.26 -12.76
N THR A 386 15.47 8.56 -12.05
CA THR A 386 16.54 7.78 -12.73
C THR A 386 15.99 6.74 -13.74
N LYS A 387 14.87 6.10 -13.38
CA LYS A 387 14.24 5.08 -14.25
C LYS A 387 13.03 5.57 -15.07
N THR A 388 12.81 6.88 -15.07
CA THR A 388 11.65 7.47 -15.79
C THR A 388 11.75 7.32 -17.31
N PRO A 389 12.97 7.50 -17.90
CA PRO A 389 13.02 7.28 -19.36
C PRO A 389 12.71 5.81 -19.68
N GLU A 390 13.21 4.94 -18.83
CA GLU A 390 12.93 3.53 -18.90
C GLU A 390 11.40 3.23 -18.81
N MET A 391 10.64 3.97 -17.98
CA MET A 391 9.18 3.81 -18.00
C MET A 391 8.64 4.18 -19.39
N GLY A 392 9.16 5.30 -19.92
CA GLY A 392 8.89 5.76 -21.29
C GLY A 392 9.17 4.73 -22.37
N ARG A 393 10.34 4.09 -22.29
CA ARG A 393 10.64 2.92 -23.13
C ARG A 393 9.63 1.80 -23.06
N VAL A 394 9.33 1.35 -21.83
CA VAL A 394 8.34 0.29 -21.60
C VAL A 394 6.94 0.63 -22.13
N ALA A 395 6.48 1.87 -21.91
CA ALA A 395 5.23 2.36 -22.49
C ALA A 395 5.19 2.17 -23.99
N CYS A 396 6.33 2.37 -24.65
CA CYS A 396 6.41 2.31 -26.13
C CYS A 396 6.29 0.90 -26.72
N ARG A 397 6.10 -0.10 -25.87
CA ARG A 397 5.58 -1.40 -26.30
C ARG A 397 4.16 -1.25 -26.85
N ALA A 398 3.44 -0.22 -26.41
CA ALA A 398 2.14 0.17 -26.99
C ALA A 398 2.27 0.80 -28.38
N ASP A 399 1.13 0.90 -29.07
CA ASP A 399 1.09 1.53 -30.39
C ASP A 399 1.02 3.02 -30.27
N TYR A 400 0.28 3.51 -29.27
CA TYR A 400 0.18 4.95 -29.08
C TYR A 400 0.28 5.24 -27.59
N VAL A 401 1.19 6.15 -27.22
CA VAL A 401 1.53 6.38 -25.83
C VAL A 401 1.16 7.83 -25.39
N ILE A 402 0.43 7.98 -24.28
CA ILE A 402 0.15 9.34 -23.76
C ILE A 402 0.92 9.54 -22.43
N PHE A 403 1.76 10.58 -22.38
CA PHE A 403 2.53 10.95 -21.18
C PHE A 403 1.91 12.07 -20.39
N THR A 404 1.73 11.83 -19.09
CA THR A 404 1.14 12.82 -18.23
C THR A 404 1.90 12.94 -16.90
N PRO A 405 1.68 14.05 -16.18
CA PRO A 405 2.13 14.12 -14.79
C PRO A 405 1.16 13.37 -13.85
N ASP A 406 1.67 12.91 -12.73
CA ASP A 406 0.89 12.19 -11.72
C ASP A 406 1.31 12.84 -10.42
N ASN A 407 0.36 13.41 -9.66
CA ASN A 407 0.76 14.10 -8.46
C ASN A 407 2.05 14.97 -8.67
N PRO A 408 2.03 15.92 -9.63
CA PRO A 408 3.30 16.62 -9.92
C PRO A 408 3.79 17.46 -8.73
N ALA A 409 2.90 17.80 -7.79
CA ALA A 409 3.20 18.69 -6.67
C ALA A 409 3.80 20.03 -7.16
N ASN A 410 4.98 20.40 -6.67
CA ASN A 410 5.64 21.61 -7.17
C ASN A 410 6.55 21.42 -8.38
N ASP A 411 6.69 20.18 -8.90
CA ASP A 411 7.46 19.97 -10.13
C ASP A 411 6.69 20.46 -11.35
N ASP A 412 7.41 21.07 -12.30
CA ASP A 412 6.91 21.41 -13.63
C ASP A 412 6.33 20.15 -14.31
N PRO A 413 5.03 20.14 -14.65
CA PRO A 413 4.48 18.91 -15.27
C PRO A 413 5.14 18.58 -16.60
N LYS A 414 5.58 19.63 -17.30
CA LYS A 414 6.30 19.41 -18.55
C LYS A 414 7.62 18.69 -18.28
N MET A 415 8.26 19.03 -17.19
CA MET A 415 9.51 18.35 -16.86
C MET A 415 9.29 16.83 -16.75
N LEU A 416 8.20 16.41 -16.09
CA LEU A 416 7.98 15.00 -15.88
C LEU A 416 7.62 14.25 -17.15
N THR A 417 6.77 14.85 -18.01
CA THR A 417 6.36 14.17 -19.23
C THR A 417 7.58 14.15 -20.18
N ALA A 418 8.39 15.23 -20.14
CA ALA A 418 9.60 15.30 -20.99
C ALA A 418 10.55 14.16 -20.58
N GLU A 419 10.61 13.89 -19.28
CA GLU A 419 11.53 12.86 -18.78
C GLU A 419 11.13 11.46 -19.26
N LEU A 420 9.82 11.22 -19.27
CA LEU A 420 9.27 9.93 -19.77
C LEU A 420 9.57 9.82 -21.24
N ALA A 421 9.43 10.96 -21.92
CA ALA A 421 9.59 11.09 -23.40
C ALA A 421 10.99 10.76 -23.85
N LYS A 422 12.00 11.12 -23.01
CA LYS A 422 13.41 10.73 -23.25
C LYS A 422 13.65 9.26 -23.61
N GLY A 423 12.79 8.34 -23.12
CA GLY A 423 12.98 6.90 -23.36
C GLY A 423 12.12 6.34 -24.49
N ALA A 424 11.29 7.18 -25.10
CA ALA A 424 10.34 6.73 -26.14
C ALA A 424 11.11 6.23 -27.35
N THR A 425 10.65 5.13 -27.94
CA THR A 425 11.37 4.45 -29.02
C THR A 425 10.69 4.60 -30.39
N HIS A 426 9.50 5.21 -30.44
CA HIS A 426 8.86 5.61 -31.70
C HIS A 426 8.20 6.95 -31.57
N GLN A 427 7.74 7.47 -32.70
CA GLN A 427 7.21 8.84 -32.78
C GLN A 427 5.78 8.87 -32.32
N ASN A 428 5.17 7.71 -32.10
CA ASN A 428 3.75 7.70 -31.68
C ASN A 428 3.45 7.92 -30.18
N TYR A 429 3.79 9.10 -29.67
CA TYR A 429 3.54 9.43 -28.29
C TYR A 429 3.19 10.93 -28.23
N ILE A 430 2.72 11.36 -27.08
CA ILE A 430 2.28 12.74 -26.92
C ILE A 430 2.30 13.07 -25.44
N GLU A 431 2.53 14.33 -25.11
CA GLU A 431 2.63 14.77 -23.74
C GLU A 431 1.56 15.77 -23.41
N PHE A 432 0.99 15.65 -22.21
CA PHE A 432 0.02 16.62 -21.71
C PHE A 432 0.44 17.05 -20.32
N ASP A 433 0.40 18.35 -20.07
CA ASP A 433 0.56 18.91 -18.75
C ASP A 433 -0.65 18.59 -17.86
N ASP A 434 -1.83 18.43 -18.46
CA ASP A 434 -3.05 18.14 -17.69
C ASP A 434 -3.46 16.69 -17.90
N ARG A 435 -3.59 15.87 -16.84
CA ARG A 435 -3.81 14.43 -17.12
C ARG A 435 -5.27 14.18 -17.62
N ALA A 436 -6.25 14.89 -17.05
CA ALA A 436 -7.64 14.78 -17.53
C ALA A 436 -7.69 15.02 -19.06
N GLU A 437 -7.02 16.10 -19.51
CA GLU A 437 -6.90 16.39 -20.93
C GLU A 437 -6.29 15.23 -21.69
N GLY A 438 -5.26 14.59 -21.11
CA GLY A 438 -4.60 13.42 -21.71
C GLY A 438 -5.49 12.19 -21.88
N ILE A 439 -6.31 11.90 -20.89
CA ILE A 439 -7.27 10.80 -20.93
C ILE A 439 -8.33 11.04 -22.02
N LYS A 440 -8.90 12.26 -22.02
CA LYS A 440 -9.87 12.65 -23.10
C LYS A 440 -9.27 12.45 -24.49
N HIS A 441 -7.97 12.76 -24.64
CA HIS A 441 -7.22 12.46 -25.88
C HIS A 441 -7.02 11.01 -26.24
N ALA A 442 -6.76 10.17 -25.25
CA ALA A 442 -6.65 8.72 -25.51
C ALA A 442 -7.98 8.18 -26.03
N ILE A 443 -9.08 8.74 -25.53
CA ILE A 443 -10.41 8.34 -26.06
C ILE A 443 -10.59 8.79 -27.53
N ASP A 444 -10.28 10.08 -27.78
CA ASP A 444 -10.27 10.66 -29.15
C ASP A 444 -9.53 9.76 -30.14
N ILE A 445 -8.32 9.33 -29.78
CA ILE A 445 -7.47 8.53 -30.72
C ILE A 445 -7.95 7.08 -30.93
N ALA A 446 -8.74 6.56 -29.98
CA ALA A 446 -9.15 5.13 -29.95
C ALA A 446 -10.26 4.72 -30.93
N GLU A 447 -10.03 3.65 -31.68
CA GLU A 447 -11.04 3.06 -32.58
C GLU A 447 -11.87 1.96 -31.88
N PRO A 448 -13.06 1.59 -32.44
CA PRO A 448 -13.73 0.33 -32.04
C PRO A 448 -12.76 -0.85 -32.10
N GLY A 449 -12.72 -1.66 -31.03
CA GLY A 449 -11.86 -2.85 -31.00
C GLY A 449 -10.42 -2.61 -30.56
N ASP A 450 -10.11 -1.38 -30.18
CA ASP A 450 -8.79 -0.99 -29.65
C ASP A 450 -8.76 -1.30 -28.15
N THR A 451 -7.57 -1.35 -27.56
CA THR A 451 -7.43 -1.46 -26.11
C THR A 451 -6.85 -0.16 -25.54
N VAL A 452 -7.53 0.42 -24.56
CA VAL A 452 -7.03 1.59 -23.86
C VAL A 452 -6.69 1.28 -22.41
N VAL A 453 -5.44 1.57 -22.05
CA VAL A 453 -4.94 1.38 -20.68
C VAL A 453 -4.57 2.72 -20.04
N LEU A 454 -5.18 3.00 -18.89
CA LEU A 454 -4.79 4.13 -18.07
C LEU A 454 -3.92 3.65 -16.87
N ALA A 455 -2.61 3.92 -16.90
CA ALA A 455 -1.71 3.45 -15.81
C ALA A 455 -1.20 4.55 -14.89
N SER A 456 -1.10 4.17 -13.62
CA SER A 456 -0.29 4.81 -12.58
C SER A 456 -1.07 5.42 -11.44
N LYS A 457 -2.40 5.48 -11.58
CA LYS A 457 -3.28 6.03 -10.55
C LYS A 457 -4.48 5.14 -10.14
N GLY A 458 -4.86 4.14 -10.93
CA GLY A 458 -6.14 3.48 -10.68
C GLY A 458 -7.25 4.47 -10.34
N ARG A 459 -7.98 4.20 -9.24
CA ARG A 459 -9.09 5.05 -8.82
C ARG A 459 -8.70 6.14 -7.82
N GLU A 460 -7.39 6.33 -7.62
CA GLU A 460 -6.87 7.41 -6.79
C GLU A 460 -7.63 8.70 -7.12
N PRO A 461 -8.22 9.36 -6.09
CA PRO A 461 -9.18 10.43 -6.30
C PRO A 461 -8.60 11.87 -6.36
N TYR A 462 -7.30 12.03 -6.55
CA TYR A 462 -6.72 13.38 -6.46
C TYR A 462 -5.46 13.44 -7.29
N GLN A 463 -5.10 14.68 -7.69
CA GLN A 463 -3.77 15.04 -8.18
C GLN A 463 -3.19 15.94 -7.13
N ILE A 464 -2.02 15.59 -6.61
CA ILE A 464 -1.32 16.52 -5.75
C ILE A 464 -0.73 17.58 -6.70
N MET A 465 -1.02 18.85 -6.39
CA MET A 465 -0.69 20.01 -7.22
C MET A 465 0.23 20.96 -6.47
N PRO A 466 0.60 22.10 -7.09
CA PRO A 466 1.43 23.06 -6.35
C PRO A 466 0.90 23.41 -4.96
N GLY A 467 1.83 23.58 -4.01
CA GLY A 467 1.49 23.76 -2.60
C GLY A 467 1.18 22.44 -1.92
N HIS A 468 1.28 21.33 -2.66
CA HIS A 468 0.85 19.98 -2.17
C HIS A 468 -0.62 19.94 -1.85
N ILE A 469 -1.37 20.75 -2.58
CA ILE A 469 -2.83 20.81 -2.51
C ILE A 469 -3.43 19.71 -3.40
N LYS A 470 -4.25 18.85 -2.79
CA LYS A 470 -4.97 17.79 -3.53
C LYS A 470 -6.15 18.38 -4.32
N VAL A 471 -6.17 18.13 -5.64
CA VAL A 471 -7.29 18.49 -6.52
C VAL A 471 -8.05 17.22 -6.97
N PRO A 472 -9.41 17.27 -6.98
CA PRO A 472 -10.12 16.04 -7.38
C PRO A 472 -9.73 15.59 -8.78
N HIS A 473 -9.60 14.28 -8.98
CA HIS A 473 -9.23 13.68 -10.24
C HIS A 473 -9.51 12.19 -10.16
N ARG A 474 -10.08 11.61 -11.22
CA ARG A 474 -10.41 10.17 -11.20
C ARG A 474 -10.22 9.59 -12.57
N ASP A 475 -9.16 8.83 -12.81
CA ASP A 475 -8.91 8.23 -14.13
C ASP A 475 -10.12 7.47 -14.69
N ASP A 476 -10.72 6.65 -13.83
CA ASP A 476 -11.89 5.81 -14.19
C ASP A 476 -13.09 6.64 -14.65
N LEU A 477 -13.42 7.68 -13.91
CA LEU A 477 -14.59 8.52 -14.20
C LEU A 477 -14.36 9.38 -15.45
N ILE A 478 -13.17 9.98 -15.49
CA ILE A 478 -12.78 10.84 -16.59
C ILE A 478 -12.78 10.00 -17.85
N GLY A 479 -12.13 8.85 -17.80
CA GLY A 479 -12.14 7.89 -18.93
C GLY A 479 -13.50 7.36 -19.37
N LEU A 480 -14.36 7.03 -18.40
CA LEU A 480 -15.70 6.52 -18.71
C LEU A 480 -16.56 7.62 -19.35
N GLU A 481 -16.62 8.80 -18.70
CA GLU A 481 -17.35 9.97 -19.18
C GLU A 481 -16.92 10.32 -20.59
N ALA A 482 -15.61 10.38 -20.83
CA ALA A 482 -15.12 10.54 -22.20
C ALA A 482 -15.42 9.34 -23.14
N ALA A 483 -15.40 8.10 -22.66
CA ALA A 483 -15.64 6.97 -23.57
C ALA A 483 -17.11 6.85 -23.99
N TYR A 484 -18.01 7.28 -23.10
CA TYR A 484 -19.43 7.23 -23.39
C TYR A 484 -19.76 8.27 -24.45
N LYS A 485 -19.33 9.52 -24.24
CA LYS A 485 -19.41 10.56 -25.27
C LYS A 485 -19.01 10.08 -26.66
N LYS A 486 -17.88 9.41 -26.76
CA LYS A 486 -17.35 9.02 -28.06
C LYS A 486 -18.01 7.77 -28.63
N PHE A 487 -18.42 6.83 -27.77
CA PHE A 487 -18.88 5.53 -28.25
C PHE A 487 -20.36 5.25 -28.03
N GLY A 488 -21.01 6.09 -27.23
CA GLY A 488 -22.37 5.86 -26.78
C GLY A 488 -22.46 4.87 -25.64
N GLY A 489 -23.68 4.44 -25.32
CA GLY A 489 -23.89 3.48 -24.22
C GLY A 489 -23.77 4.11 -22.85
N GLY A 490 -24.15 5.38 -22.74
CA GLY A 490 -24.12 6.15 -21.49
C GLY A 490 -24.51 5.39 -20.22
CL CL B . 11.61 -23.40 -0.82
MG MG C . 0.12 -0.39 -2.40
MG MG D . 6.45 0.23 -3.34
N1 UML E . 1.51 18.71 12.92
C2 UML E . 0.71 19.27 13.97
N3 UML E . 0.02 20.41 13.74
C4 UML E . 0.16 21.06 12.53
C5 UML E . 0.95 20.55 11.48
C6 UML E . 1.62 19.35 11.71
O2 UML E . 0.55 18.68 15.18
O4 UML E . -0.52 22.21 12.37
C1'A UML E . 2.23 17.43 13.14
C2'A UML E . 1.83 16.35 12.11
O2' UML E . 0.64 15.63 12.44
C3'A UML E . 3.04 15.47 12.13
C4'A UML E . 4.21 16.40 12.44
O4'A UML E . 3.63 17.62 12.97
O3'A UML E . 2.89 14.58 13.23
C5'A UML E . 5.02 16.72 11.21
O5'A UML E . 4.15 17.45 10.36
PA UML E . 4.62 17.87 8.91
O1A UML E . 3.51 18.77 8.35
O2A UML E . 6.08 18.25 8.76
O3A UML E . 4.38 16.43 8.14
PB UML E . 5.52 15.93 7.20
O1B UML E . 6.71 15.34 7.96
O2B UML E . 5.87 17.05 6.23
C1' UML E . 4.95 13.33 6.73
C2' UML E . 4.87 12.40 5.53
C3' UML E . 3.46 12.46 4.95
C4' UML E . 2.48 12.12 6.06
C5' UML E . 2.61 13.10 7.27
C6' UML E . 1.77 12.76 8.50
C7' UML E . 6.84 12.28 4.04
C8' UML E . 7.67 13.00 3.00
C18 UML E . 3.23 12.14 2.56
C19 UML E . 3.97 11.24 1.62
C20 UML E . 1.77 12.29 2.06
O1' UML E . 4.88 14.68 6.30
O3' UML E . 3.30 11.54 3.87
O4' UML E . 1.15 12.03 5.55
O5' UML E . 3.96 13.06 7.74
O6' UML E . 2.06 11.41 8.95
O7' UML E . 7.14 11.15 4.40
O18 UML E . 3.81 11.41 0.44
N2' UML E . 5.82 12.93 4.53
N4 UML E . 4.81 10.28 2.07
C21 UML E . 5.50 9.31 1.19
C22 UML E . 5.22 7.94 1.76
O19 UML E . 5.11 7.83 2.97
C23 UML E . 7.03 9.42 1.14
N5 UML E . 5.13 6.88 0.94
C24 UML E . 4.86 5.52 1.46
C28 UML E . 3.60 5.43 2.32
O23 UML E . 2.64 6.23 2.06
C25 UML E . 4.69 4.55 0.25
C26 UML E . 3.56 4.99 -0.72
C27 UML E . 4.18 5.70 -1.93
O20 UML E . 5.30 6.22 -1.78
O22 UML E . 3.52 4.55 3.24
N30 UML E . 3.49 5.77 -3.10
C32 UML E . 4.08 6.47 -4.32
C31 UML E . 4.58 7.90 -4.11
O38 UML E . 5.67 8.33 -4.57
C33 UML E . 2.93 6.57 -5.35
C34 UML E . 3.38 7.17 -6.71
C35 UML E . 2.23 7.04 -7.73
C36 UML E . 0.98 7.89 -7.41
N39 UML E . -0.11 7.54 -8.32
O37 UML E . 3.84 8.66 -3.48
P PO4 F . 0.40 -2.16 -5.71
O1 PO4 F . -0.47 -3.47 -5.79
O2 PO4 F . 1.60 -2.31 -6.61
O3 PO4 F . -0.46 -1.00 -6.15
O4 PO4 F . 0.87 -1.81 -4.34
K K G . -1.39 -10.30 15.65
#